data_7V3Z
#
_entry.id   7V3Z
#
_cell.length_a   65.810
_cell.length_b   75.350
_cell.length_c   138.950
_cell.angle_alpha   90.000
_cell.angle_beta   90.000
_cell.angle_gamma   90.000
#
_symmetry.space_group_name_H-M   'P 21 2 21'
#
loop_
_entity.id
_entity.type
_entity.pdbx_description
1 polymer 'fusion protein of Cannabinoid receptor 1 and Flavodoxin'
2 non-polymer 2-[(1R,2R,5R)-5-hydroxy-2-(3-hydroxypropyl)cyclohexyl]-5-(2-methyloctan-2-yl)phenol
3 non-polymer CHOLESTEROL
4 non-polymer 'FLAVIN MONONUCLEOTIDE'
#
_entity_poly.entity_id   1
_entity_poly.type   'polypeptide(L)'
_entity_poly.pdbx_seq_one_letter_code
;GENFMDIECFMVLNPSQQLAIAVLSLTLGTFTVLENLLVLCVILHSRSLRCRPSYLFIGSLAVADLLGSVIFVYSFIDFH
VFHRKDSRNVFLFKLGGVTASFTASVGSLFLAAIDRYISIHRPLAYKRIVTRPKAVVAFCLMWTIAIVIAVLPLLGWNCE
KLQSVCSDIFPHIDKTYLMFWIGVVSVLLLFIVYAYMYILWKAHSHAVAKALIVYGSTTGNTEYTAETIARELADAGYEV
DSRDAASVEAGGLFEGFDLVLLGCSTWGDDSIELQDDFIPLFDSLEETGAQGRKVACFGCGDSSWEYFCGAVDAIEEKLK
NLGAEIVQDGLRIDGDPRAARDDIVGWAHDVRGAIPDQARMDIELAKTLVLILVVLIICWGPLLAIMVYDVFGKMNKLIK
TVFAFCSMLCLLNSTVNPIIYALRSKDLRHAFRSMFPS
;
_entity_poly.pdbx_strand_id   A
#
loop_
_chem_comp.id
_chem_comp.type
_chem_comp.name
_chem_comp.formula
9GF non-polymer 2-[(1R,2R,5R)-5-hydroxy-2-(3-hydroxypropyl)cyclohexyl]-5-(2-methyloctan-2-yl)phenol 'C24 H40 O3'
CLR non-polymer CHOLESTEROL 'C27 H46 O'
FMN non-polymer 'FLAVIN MONONUCLEOTIDE' 'C17 H21 N4 O9 P'
#
# COMPACT_ATOMS: atom_id res chain seq x y z
N PHE A 4 11.90 -43.59 2.87
CA PHE A 4 13.23 -43.28 3.39
C PHE A 4 14.29 -43.22 2.27
N MET A 5 15.10 -42.13 2.26
CA MET A 5 16.17 -41.87 1.26
C MET A 5 17.57 -41.78 1.94
N ASP A 6 18.58 -41.19 1.25
CA ASP A 6 19.93 -41.04 1.81
C ASP A 6 20.37 -39.58 1.92
N ILE A 7 20.96 -39.21 3.08
CA ILE A 7 21.45 -37.87 3.44
C ILE A 7 22.27 -37.22 2.34
N GLU A 8 23.14 -38.02 1.67
CA GLU A 8 24.04 -37.58 0.61
C GLU A 8 23.33 -37.08 -0.66
N CYS A 9 22.07 -37.47 -0.87
CA CYS A 9 21.28 -37.05 -2.04
C CYS A 9 20.83 -35.59 -1.96
N PHE A 10 20.73 -35.05 -0.73
CA PHE A 10 20.30 -33.68 -0.45
C PHE A 10 21.46 -32.70 -0.34
N MET A 11 22.71 -33.18 -0.52
CA MET A 11 23.95 -32.39 -0.45
C MET A 11 24.51 -32.19 -1.87
N VAL A 12 23.80 -31.37 -2.69
CA VAL A 12 24.09 -31.12 -4.11
C VAL A 12 25.26 -30.13 -4.40
N LEU A 13 25.93 -29.60 -3.36
CA LEU A 13 26.96 -28.60 -3.62
C LEU A 13 28.38 -29.18 -3.68
N ASN A 14 29.17 -28.63 -4.64
CA ASN A 14 30.57 -28.97 -4.92
C ASN A 14 31.52 -27.97 -4.18
N PRO A 15 32.85 -28.29 -4.01
CA PRO A 15 33.76 -27.38 -3.26
C PRO A 15 33.72 -25.89 -3.59
N SER A 16 33.38 -25.52 -4.83
CA SER A 16 33.26 -24.12 -5.27
C SER A 16 31.91 -23.53 -4.82
N GLN A 17 30.80 -24.26 -5.06
CA GLN A 17 29.44 -23.86 -4.69
C GLN A 17 29.27 -23.71 -3.19
N GLN A 18 30.07 -24.46 -2.40
CA GLN A 18 30.06 -24.44 -0.93
C GLN A 18 30.71 -23.16 -0.39
N LEU A 19 31.89 -22.75 -0.95
CA LEU A 19 32.58 -21.52 -0.57
C LEU A 19 31.69 -20.32 -0.91
N ALA A 20 31.11 -20.30 -2.15
CA ALA A 20 30.20 -19.26 -2.65
C ALA A 20 29.03 -19.02 -1.70
N ILE A 21 28.43 -20.13 -1.20
CA ILE A 21 27.31 -20.15 -0.26
C ILE A 21 27.77 -19.66 1.12
N ALA A 22 28.86 -20.26 1.69
CA ALA A 22 29.38 -19.85 3.01
C ALA A 22 29.55 -18.34 3.09
N VAL A 23 30.04 -17.70 1.99
CA VAL A 23 30.22 -16.24 1.88
C VAL A 23 28.87 -15.53 2.07
N LEU A 24 27.85 -15.92 1.26
CA LEU A 24 26.51 -15.35 1.32
C LEU A 24 25.85 -15.58 2.68
N SER A 25 26.03 -16.79 3.27
CA SER A 25 25.42 -17.19 4.54
C SER A 25 26.01 -16.44 5.71
N LEU A 26 27.35 -16.32 5.75
CA LEU A 26 28.04 -15.65 6.84
C LEU A 26 28.08 -14.14 6.67
N THR A 27 27.98 -13.58 5.45
CA THR A 27 27.95 -12.12 5.34
C THR A 27 26.56 -11.64 5.74
N LEU A 28 25.52 -12.02 4.95
CA LEU A 28 24.10 -11.70 5.17
C LEU A 28 23.66 -12.05 6.61
N GLY A 29 24.11 -13.22 7.08
CA GLY A 29 23.83 -13.73 8.41
C GLY A 29 24.42 -12.85 9.50
N THR A 30 25.72 -12.49 9.41
CA THR A 30 26.34 -11.64 10.41
C THR A 30 25.66 -10.28 10.47
N PHE A 31 25.39 -9.67 9.30
CA PHE A 31 24.72 -8.37 9.24
C PHE A 31 23.31 -8.42 9.80
N THR A 32 22.53 -9.52 9.57
CA THR A 32 21.17 -9.71 10.14
C THR A 32 21.23 -9.77 11.67
N VAL A 33 22.15 -10.60 12.21
CA VAL A 33 22.41 -10.81 13.64
C VAL A 33 22.73 -9.49 14.34
N LEU A 34 23.65 -8.69 13.74
CA LEU A 34 24.07 -7.41 14.29
C LEU A 34 23.07 -6.30 14.11
N GLU A 35 22.39 -6.24 12.93
CA GLU A 35 21.39 -5.22 12.61
C GLU A 35 20.20 -5.25 13.55
N ASN A 36 19.58 -6.45 13.72
CA ASN A 36 18.42 -6.67 14.58
C ASN A 36 18.76 -6.54 16.06
N LEU A 37 20.03 -6.77 16.43
CA LEU A 37 20.54 -6.59 17.79
C LEU A 37 20.51 -5.09 18.14
N LEU A 38 21.00 -4.21 17.25
CA LEU A 38 21.02 -2.75 17.43
C LEU A 38 19.58 -2.21 17.53
N VAL A 39 18.66 -2.78 16.73
CA VAL A 39 17.22 -2.47 16.71
C VAL A 39 16.60 -2.91 18.07
N LEU A 40 17.05 -4.08 18.60
CA LEU A 40 16.59 -4.60 19.88
C LEU A 40 17.16 -3.79 21.01
N CYS A 41 18.38 -3.27 20.85
CA CYS A 41 19.01 -2.41 21.84
C CYS A 41 18.30 -1.05 21.94
N VAL A 42 18.08 -0.37 20.79
CA VAL A 42 17.44 0.95 20.72
C VAL A 42 15.95 0.91 21.16
N ILE A 43 15.23 -0.22 20.91
CA ILE A 43 13.84 -0.39 21.33
C ILE A 43 13.78 -0.35 22.88
N LEU A 44 14.70 -1.10 23.52
CA LEU A 44 14.85 -1.18 24.96
C LEU A 44 15.24 0.17 25.56
N HIS A 45 16.20 0.88 24.94
CA HIS A 45 16.62 2.21 25.39
C HIS A 45 15.44 3.19 25.29
N SER A 46 14.67 3.17 24.18
CA SER A 46 13.53 4.05 23.97
C SER A 46 12.44 3.91 25.02
N ARG A 47 12.21 2.66 25.48
CA ARG A 47 11.17 2.35 26.46
C ARG A 47 11.60 2.71 27.90
N SER A 48 12.86 3.19 28.06
CA SER A 48 13.41 3.66 29.34
C SER A 48 13.28 5.20 29.48
N LEU A 49 12.84 5.88 28.41
CA LEU A 49 12.64 7.33 28.37
C LEU A 49 11.15 7.65 28.08
N ARG A 50 10.67 7.37 26.84
CA ARG A 50 9.29 7.62 26.40
C ARG A 50 8.54 6.29 26.14
N CYS A 51 7.38 6.13 26.81
CA CYS A 51 6.56 4.92 26.79
C CYS A 51 5.52 4.82 25.66
N ARG A 52 5.10 5.96 25.06
CA ARG A 52 4.07 6.03 24.01
C ARG A 52 4.34 5.14 22.75
N PRO A 53 5.54 5.11 22.11
CA PRO A 53 5.72 4.26 20.90
C PRO A 53 5.59 2.74 21.16
N SER A 54 4.85 2.02 20.27
CA SER A 54 4.53 0.59 20.38
C SER A 54 5.78 -0.34 20.36
N TYR A 55 6.44 -0.46 19.17
CA TYR A 55 7.57 -1.33 18.88
C TYR A 55 7.19 -2.82 18.94
N LEU A 56 5.92 -3.16 18.65
CA LEU A 56 5.49 -4.56 18.64
C LEU A 56 5.86 -5.17 17.30
N PHE A 57 5.43 -4.54 16.17
CA PHE A 57 5.71 -5.03 14.82
C PHE A 57 7.14 -4.75 14.34
N ILE A 58 7.96 -4.08 15.17
CA ILE A 58 9.36 -3.76 14.90
C ILE A 58 10.25 -4.70 15.71
N GLY A 59 9.82 -5.00 16.93
CA GLY A 59 10.52 -5.90 17.85
C GLY A 59 10.31 -7.37 17.54
N SER A 60 9.07 -7.76 17.16
CA SER A 60 8.71 -9.14 16.81
C SER A 60 9.55 -9.61 15.64
N LEU A 61 9.64 -8.75 14.61
CA LEU A 61 10.42 -8.98 13.39
C LEU A 61 11.91 -9.07 13.70
N ALA A 62 12.41 -8.25 14.66
CA ALA A 62 13.79 -8.22 15.12
C ALA A 62 14.20 -9.53 15.80
N VAL A 63 13.27 -10.15 16.55
CA VAL A 63 13.46 -11.43 17.23
C VAL A 63 13.50 -12.53 16.13
N ALA A 64 12.39 -12.69 15.38
CA ALA A 64 12.17 -13.64 14.28
C ALA A 64 13.31 -13.68 13.25
N ASP A 65 13.86 -12.49 12.89
CA ASP A 65 14.96 -12.37 11.92
C ASP A 65 16.26 -12.89 12.52
N LEU A 66 16.69 -12.31 13.66
CA LEU A 66 17.91 -12.68 14.38
C LEU A 66 17.98 -14.18 14.68
N LEU A 67 16.90 -14.75 15.33
CA LEU A 67 16.73 -16.18 15.66
C LEU A 67 16.75 -17.05 14.38
N GLY A 68 15.95 -16.64 13.38
CA GLY A 68 15.85 -17.29 12.08
C GLY A 68 17.19 -17.40 11.43
N SER A 69 17.99 -16.29 11.54
CA SER A 69 19.34 -16.16 10.99
C SER A 69 20.33 -17.07 11.66
N VAL A 70 20.51 -16.98 13.00
CA VAL A 70 21.46 -17.82 13.75
C VAL A 70 21.22 -19.33 13.46
N ILE A 71 19.98 -19.82 13.66
CA ILE A 71 19.60 -21.20 13.41
C ILE A 71 19.83 -21.59 11.93
N PHE A 72 19.17 -20.91 10.97
CA PHE A 72 19.31 -21.21 9.55
C PHE A 72 20.76 -21.20 9.06
N VAL A 73 21.50 -20.08 9.24
CA VAL A 73 22.91 -19.90 8.81
C VAL A 73 23.80 -21.05 9.35
N TYR A 74 23.67 -21.39 10.65
CA TYR A 74 24.44 -22.47 11.28
C TYR A 74 24.10 -23.86 10.71
N SER A 75 22.79 -24.21 10.66
CA SER A 75 22.23 -25.48 10.16
C SER A 75 22.64 -25.78 8.71
N PHE A 76 22.36 -24.81 7.82
CA PHE A 76 22.62 -24.79 6.39
C PHE A 76 24.05 -25.16 6.12
N ILE A 77 24.99 -24.34 6.61
CA ILE A 77 26.44 -24.52 6.46
C ILE A 77 26.91 -25.88 7.04
N ASP A 78 26.38 -26.29 8.22
CA ASP A 78 26.75 -27.59 8.80
C ASP A 78 26.29 -28.75 7.92
N PHE A 79 25.14 -28.59 7.24
CA PHE A 79 24.64 -29.63 6.35
C PHE A 79 25.32 -29.62 4.96
N HIS A 80 25.46 -28.46 4.34
CA HIS A 80 25.99 -28.39 2.97
C HIS A 80 27.49 -28.32 2.87
N VAL A 81 28.21 -27.85 3.92
CA VAL A 81 29.67 -27.73 3.88
C VAL A 81 30.34 -28.80 4.72
N PHE A 82 29.85 -28.99 5.95
CA PHE A 82 30.40 -29.97 6.89
C PHE A 82 29.85 -31.36 6.58
N HIS A 83 28.72 -31.40 5.83
CA HIS A 83 28.05 -32.61 5.37
C HIS A 83 27.46 -33.43 6.51
N ARG A 84 26.99 -32.77 7.58
CA ARG A 84 26.41 -33.44 8.76
C ARG A 84 25.17 -34.28 8.42
N LYS A 85 25.27 -35.56 8.79
CA LYS A 85 24.25 -36.58 8.65
C LYS A 85 23.64 -36.77 10.06
N ASP A 86 22.47 -36.15 10.29
CA ASP A 86 21.82 -36.22 11.59
C ASP A 86 20.55 -37.08 11.60
N SER A 87 20.15 -37.51 12.82
CA SER A 87 18.99 -38.34 13.11
C SER A 87 17.70 -37.73 12.55
N ARG A 88 16.68 -38.60 12.30
CA ARG A 88 15.39 -38.15 11.79
C ARG A 88 14.81 -37.05 12.67
N ASN A 89 14.66 -37.29 13.97
CA ASN A 89 14.11 -36.30 14.88
C ASN A 89 15.08 -35.13 15.14
N VAL A 90 16.41 -35.38 15.12
CA VAL A 90 17.47 -34.37 15.36
C VAL A 90 17.53 -33.33 14.23
N PHE A 91 17.43 -33.80 12.97
CA PHE A 91 17.41 -32.94 11.78
C PHE A 91 16.17 -32.04 11.85
N LEU A 92 14.97 -32.68 11.99
CA LEU A 92 13.63 -32.08 12.08
C LEU A 92 13.50 -31.07 13.25
N PHE A 93 14.45 -31.13 14.24
CA PHE A 93 14.53 -30.22 15.40
C PHE A 93 15.20 -28.92 14.98
N LYS A 94 16.36 -29.02 14.32
CA LYS A 94 17.10 -27.88 13.77
C LYS A 94 16.19 -27.25 12.68
N LEU A 95 15.47 -28.11 11.91
CA LEU A 95 14.54 -27.67 10.87
C LEU A 95 13.37 -26.90 11.49
N GLY A 96 12.83 -27.39 12.60
CA GLY A 96 11.76 -26.73 13.33
C GLY A 96 12.16 -25.34 13.78
N GLY A 97 13.48 -25.14 13.90
CA GLY A 97 14.10 -23.87 14.28
C GLY A 97 13.97 -22.80 13.22
N VAL A 98 14.13 -23.18 11.94
CA VAL A 98 14.00 -22.26 10.80
C VAL A 98 12.50 -22.01 10.44
N THR A 99 11.66 -23.09 10.43
CA THR A 99 10.23 -23.05 10.11
C THR A 99 9.47 -22.12 11.08
N ALA A 100 9.71 -22.26 12.39
CA ALA A 100 9.06 -21.41 13.39
C ALA A 100 9.50 -19.95 13.24
N SER A 101 10.83 -19.72 13.09
CA SER A 101 11.42 -18.39 12.98
C SER A 101 11.05 -17.64 11.72
N PHE A 102 11.05 -18.33 10.57
CA PHE A 102 10.71 -17.70 9.30
C PHE A 102 9.20 -17.45 9.17
N THR A 103 8.37 -18.31 9.79
CA THR A 103 6.91 -18.13 9.84
C THR A 103 6.63 -16.93 10.74
N ALA A 104 7.26 -16.90 11.93
CA ALA A 104 7.13 -15.79 12.87
C ALA A 104 7.52 -14.47 12.24
N SER A 105 8.53 -14.48 11.33
CA SER A 105 9.01 -13.31 10.59
C SER A 105 7.95 -12.79 9.59
N VAL A 106 7.40 -13.69 8.72
CA VAL A 106 6.40 -13.35 7.70
C VAL A 106 5.01 -13.02 8.36
N GLY A 107 4.72 -13.65 9.49
CA GLY A 107 3.50 -13.40 10.25
C GLY A 107 3.53 -12.04 10.93
N SER A 108 4.75 -11.56 11.27
CA SER A 108 4.99 -10.27 11.89
C SER A 108 4.84 -9.16 10.86
N LEU A 109 5.14 -9.46 9.57
CA LEU A 109 5.01 -8.52 8.45
C LEU A 109 3.54 -8.44 8.05
N PHE A 110 2.79 -9.54 8.36
CA PHE A 110 1.37 -9.72 8.12
C PHE A 110 0.52 -8.84 9.04
N LEU A 111 0.77 -8.89 10.36
CA LEU A 111 0.07 -8.09 11.37
C LEU A 111 0.40 -6.58 11.25
N ALA A 112 1.61 -6.27 10.71
CA ALA A 112 2.08 -4.90 10.45
C ALA A 112 1.25 -4.37 9.27
N ALA A 113 1.00 -5.24 8.27
CA ALA A 113 0.21 -4.94 7.08
C ALA A 113 -1.30 -4.89 7.40
N ILE A 114 -1.84 -5.76 8.31
CA ILE A 114 -3.27 -5.68 8.68
C ILE A 114 -3.54 -4.37 9.44
N ASP A 115 -2.54 -3.87 10.23
CA ASP A 115 -2.58 -2.62 10.99
C ASP A 115 -2.73 -1.47 9.99
N ARG A 116 -1.76 -1.36 9.06
CA ARG A 116 -1.71 -0.33 8.04
C ARG A 116 -2.90 -0.38 7.07
N TYR A 117 -3.49 -1.56 6.85
CA TYR A 117 -4.68 -1.69 5.99
C TYR A 117 -5.90 -1.14 6.70
N ILE A 118 -6.05 -1.43 8.01
CA ILE A 118 -7.17 -0.93 8.81
C ILE A 118 -7.08 0.60 8.94
N SER A 119 -5.86 1.15 9.06
CA SER A 119 -5.66 2.60 9.17
C SER A 119 -6.04 3.39 7.90
N ILE A 120 -6.01 2.73 6.71
CA ILE A 120 -6.36 3.35 5.42
C ILE A 120 -7.83 3.09 5.08
N HIS A 121 -8.30 1.83 5.27
CA HIS A 121 -9.68 1.43 4.99
C HIS A 121 -10.68 2.13 5.92
N ARG A 122 -10.53 1.95 7.25
CA ARG A 122 -11.40 2.58 8.24
C ARG A 122 -10.55 3.40 9.23
N PRO A 123 -10.20 4.67 8.91
CA PRO A 123 -9.31 5.44 9.82
C PRO A 123 -9.99 5.89 11.10
N LEU A 124 -11.32 6.03 11.04
CA LEU A 124 -12.20 6.44 12.13
C LEU A 124 -12.44 5.26 13.08
N ALA A 125 -12.59 4.05 12.51
CA ALA A 125 -12.80 2.81 13.24
C ALA A 125 -11.49 2.15 13.70
N TYR A 126 -10.33 2.53 13.10
CA TYR A 126 -8.96 2.03 13.40
C TYR A 126 -8.58 2.12 14.89
N LYS A 127 -8.86 3.25 15.55
CA LYS A 127 -8.51 3.44 16.94
C LYS A 127 -9.35 2.58 17.90
N ARG A 128 -10.55 2.16 17.44
CA ARG A 128 -11.50 1.33 18.17
C ARG A 128 -11.18 -0.18 18.01
N ILE A 129 -10.75 -0.58 16.80
CA ILE A 129 -10.44 -1.98 16.46
C ILE A 129 -8.95 -2.30 16.69
N VAL A 130 -8.03 -1.47 16.19
CA VAL A 130 -6.58 -1.66 16.39
C VAL A 130 -6.18 -0.94 17.70
N THR A 131 -6.15 -1.73 18.79
CA THR A 131 -5.84 -1.31 20.16
C THR A 131 -4.62 -2.07 20.70
N ARG A 132 -3.92 -1.49 21.72
CA ARG A 132 -2.74 -2.08 22.38
C ARG A 132 -2.98 -3.51 22.91
N PRO A 133 -4.03 -3.80 23.75
CA PRO A 133 -4.25 -5.18 24.22
C PRO A 133 -4.62 -6.20 23.14
N LYS A 134 -5.31 -5.79 22.06
CA LYS A 134 -5.66 -6.67 20.95
C LYS A 134 -4.39 -7.02 20.18
N ALA A 135 -3.54 -5.98 19.89
CA ALA A 135 -2.26 -6.08 19.19
C ALA A 135 -1.27 -7.02 19.90
N VAL A 136 -1.12 -6.86 21.24
CA VAL A 136 -0.23 -7.68 22.06
C VAL A 136 -0.60 -9.17 21.87
N VAL A 137 -1.87 -9.53 22.07
CA VAL A 137 -2.37 -10.91 21.91
C VAL A 137 -2.02 -11.45 20.51
N ALA A 138 -2.27 -10.63 19.47
CA ALA A 138 -1.98 -10.96 18.09
C ALA A 138 -0.56 -11.48 17.84
N PHE A 139 0.47 -10.85 18.46
CA PHE A 139 1.84 -11.33 18.30
C PHE A 139 2.11 -12.60 19.11
N CYS A 140 1.49 -12.70 20.29
CA CYS A 140 1.64 -13.85 21.18
C CYS A 140 1.00 -15.10 20.57
N LEU A 141 -0.14 -14.95 19.89
CA LEU A 141 -0.78 -16.06 19.20
C LEU A 141 -0.13 -16.33 17.84
N MET A 142 0.50 -15.30 17.23
CA MET A 142 1.25 -15.42 16.00
C MET A 142 2.42 -16.38 16.27
N TRP A 143 3.23 -16.06 17.30
CA TRP A 143 4.39 -16.82 17.74
C TRP A 143 4.08 -18.27 18.11
N THR A 144 3.03 -18.51 18.93
CA THR A 144 2.61 -19.86 19.38
C THR A 144 2.18 -20.76 18.22
N ILE A 145 1.33 -20.23 17.32
CA ILE A 145 0.84 -20.94 16.13
C ILE A 145 2.05 -21.31 15.26
N ALA A 146 2.93 -20.31 14.98
CA ALA A 146 4.17 -20.50 14.21
C ALA A 146 4.99 -21.65 14.79
N ILE A 147 5.23 -21.66 16.12
CA ILE A 147 5.97 -22.73 16.80
C ILE A 147 5.24 -24.08 16.60
N VAL A 148 3.91 -24.11 16.86
CA VAL A 148 3.06 -25.31 16.74
C VAL A 148 3.12 -25.92 15.30
N ILE A 149 3.12 -25.08 14.24
CA ILE A 149 3.27 -25.55 12.85
C ILE A 149 4.63 -26.26 12.71
N ALA A 150 5.72 -25.65 13.23
CA ALA A 150 7.07 -26.21 13.19
C ALA A 150 7.29 -27.47 14.06
N VAL A 151 6.41 -27.71 15.06
CA VAL A 151 6.52 -28.87 15.97
C VAL A 151 5.91 -30.17 15.39
N LEU A 152 5.00 -30.04 14.39
CA LEU A 152 4.29 -31.13 13.75
C LEU A 152 5.18 -32.26 13.20
N PRO A 153 6.29 -32.01 12.44
CA PRO A 153 7.10 -33.14 11.94
C PRO A 153 7.80 -33.99 13.01
N LEU A 154 8.22 -33.37 14.13
CA LEU A 154 8.90 -34.04 15.23
C LEU A 154 8.00 -35.04 15.94
N LEU A 155 6.68 -34.74 16.03
CA LEU A 155 5.75 -35.61 16.75
C LEU A 155 4.83 -36.45 15.83
N GLY A 156 5.33 -36.84 14.65
CA GLY A 156 4.57 -37.71 13.76
C GLY A 156 4.39 -37.34 12.31
N TRP A 157 4.05 -36.07 12.02
CA TRP A 157 3.80 -35.60 10.65
C TRP A 157 5.06 -35.46 9.79
N ASN A 158 5.69 -36.61 9.54
CA ASN A 158 6.88 -36.73 8.71
C ASN A 158 6.75 -37.95 7.77
N CYS A 159 7.51 -37.93 6.67
CA CYS A 159 7.51 -38.93 5.63
C CYS A 159 7.89 -40.34 6.11
N GLU A 160 8.78 -40.43 7.11
CA GLU A 160 9.26 -41.71 7.62
C GLU A 160 8.21 -42.42 8.49
N LYS A 161 7.62 -41.73 9.50
CA LYS A 161 6.58 -42.30 10.39
C LYS A 161 5.29 -42.59 9.60
N LEU A 162 4.81 -41.61 8.83
CA LEU A 162 3.65 -41.73 7.97
C LEU A 162 4.25 -42.19 6.65
N GLN A 163 4.33 -43.53 6.37
CA GLN A 163 4.92 -44.10 5.14
C GLN A 163 4.29 -43.39 3.95
N SER A 164 5.01 -42.38 3.41
CA SER A 164 4.53 -41.51 2.35
C SER A 164 5.67 -41.05 1.45
N VAL A 165 5.30 -40.20 0.48
CA VAL A 165 6.21 -39.59 -0.49
C VAL A 165 7.09 -38.58 0.28
N CYS A 166 8.40 -38.76 0.20
CA CYS A 166 9.38 -37.90 0.85
C CYS A 166 9.70 -36.67 -0.01
N SER A 167 10.06 -35.54 0.65
CA SER A 167 10.45 -34.29 -0.02
C SER A 167 11.80 -34.50 -0.69
N ASP A 168 11.94 -34.02 -1.94
CA ASP A 168 13.16 -34.13 -2.74
C ASP A 168 14.08 -32.91 -2.51
N ILE A 169 13.69 -32.04 -1.54
CA ILE A 169 14.43 -30.84 -1.07
C ILE A 169 14.50 -30.77 0.45
N PHE A 170 13.63 -31.49 1.18
CA PHE A 170 13.61 -31.45 2.65
C PHE A 170 13.68 -32.83 3.30
N PRO A 171 14.88 -33.27 3.76
CA PRO A 171 15.02 -34.61 4.39
C PRO A 171 13.98 -35.00 5.47
N HIS A 172 13.40 -36.22 5.36
CA HIS A 172 12.36 -36.82 6.23
C HIS A 172 11.04 -36.01 6.36
N ILE A 173 10.69 -35.12 5.40
CA ILE A 173 9.43 -34.38 5.49
C ILE A 173 8.40 -34.91 4.49
N ASP A 174 7.14 -35.03 4.97
CA ASP A 174 5.98 -35.50 4.20
C ASP A 174 5.52 -34.37 3.28
N LYS A 175 5.24 -34.70 2.02
CA LYS A 175 4.75 -33.77 0.99
C LYS A 175 3.54 -32.95 1.45
N THR A 176 2.63 -33.56 2.24
CA THR A 176 1.42 -32.91 2.78
C THR A 176 1.75 -31.84 3.80
N TYR A 177 2.83 -32.02 4.58
CA TYR A 177 3.25 -31.02 5.54
C TYR A 177 3.76 -29.78 4.78
N LEU A 178 4.49 -30.02 3.67
CA LEU A 178 5.04 -28.99 2.79
C LEU A 178 3.92 -28.12 2.16
N MET A 179 2.90 -28.76 1.53
CA MET A 179 1.73 -28.12 0.90
C MET A 179 1.00 -27.22 1.89
N PHE A 180 0.93 -27.66 3.16
CA PHE A 180 0.29 -26.95 4.26
C PHE A 180 1.08 -25.68 4.60
N TRP A 181 2.41 -25.83 4.79
CA TRP A 181 3.30 -24.71 5.10
C TRP A 181 3.38 -23.71 3.97
N ILE A 182 3.47 -24.18 2.70
CA ILE A 182 3.46 -23.28 1.52
C ILE A 182 2.10 -22.57 1.50
N GLY A 183 1.08 -23.30 1.93
CA GLY A 183 -0.31 -22.87 2.00
C GLY A 183 -0.45 -21.67 2.88
N VAL A 184 -0.22 -21.86 4.21
CA VAL A 184 -0.29 -20.80 5.24
C VAL A 184 0.67 -19.63 4.91
N VAL A 185 1.95 -19.93 4.57
CA VAL A 185 2.96 -18.91 4.21
C VAL A 185 2.48 -18.08 3.02
N SER A 186 2.01 -18.73 1.94
CA SER A 186 1.46 -18.07 0.74
C SER A 186 0.23 -17.22 1.09
N VAL A 187 -0.72 -17.81 1.87
CA VAL A 187 -1.96 -17.19 2.33
C VAL A 187 -1.67 -15.81 2.94
N LEU A 188 -0.88 -15.76 4.03
CA LEU A 188 -0.56 -14.50 4.71
C LEU A 188 0.43 -13.63 3.93
N LEU A 189 1.24 -14.23 3.02
CA LEU A 189 2.18 -13.50 2.17
C LEU A 189 1.41 -12.71 1.10
N LEU A 190 0.39 -13.35 0.48
CA LEU A 190 -0.45 -12.72 -0.53
C LEU A 190 -1.30 -11.62 0.07
N PHE A 191 -1.75 -11.75 1.34
CA PHE A 191 -2.52 -10.66 1.96
C PHE A 191 -1.69 -9.37 2.08
N ILE A 192 -0.42 -9.49 2.52
CA ILE A 192 0.53 -8.39 2.63
C ILE A 192 0.59 -7.65 1.27
N VAL A 193 0.68 -8.43 0.15
CA VAL A 193 0.72 -7.92 -1.22
C VAL A 193 -0.55 -7.12 -1.56
N TYR A 194 -1.75 -7.67 -1.21
CA TYR A 194 -3.05 -7.01 -1.44
C TYR A 194 -3.22 -5.74 -0.59
N ALA A 195 -2.93 -5.83 0.72
CA ALA A 195 -3.06 -4.72 1.67
C ALA A 195 -2.28 -3.50 1.17
N TYR A 196 -1.02 -3.70 0.73
CA TYR A 196 -0.17 -2.64 0.21
C TYR A 196 -0.56 -2.20 -1.22
N MET A 197 -1.28 -3.07 -1.98
CA MET A 197 -1.77 -2.71 -3.30
C MET A 197 -2.97 -1.77 -3.12
N TYR A 198 -3.86 -2.10 -2.16
CA TYR A 198 -5.04 -1.32 -1.77
C TYR A 198 -4.62 0.09 -1.36
N ILE A 199 -3.61 0.20 -0.46
CA ILE A 199 -3.05 1.46 0.03
C ILE A 199 -2.47 2.27 -1.13
N LEU A 200 -1.77 1.60 -2.08
CA LEU A 200 -1.18 2.23 -3.26
C LEU A 200 -2.26 2.74 -4.25
N TRP A 201 -3.40 2.04 -4.31
CA TRP A 201 -4.54 2.39 -5.16
C TRP A 201 -5.22 3.66 -4.62
N LYS A 202 -5.63 3.59 -3.33
CA LYS A 202 -6.29 4.64 -2.55
C LYS A 202 -5.54 5.98 -2.62
N ALA A 203 -4.20 5.93 -2.71
CA ALA A 203 -3.34 7.10 -2.79
C ALA A 203 -3.24 7.70 -4.19
N HIS A 204 -3.42 6.88 -5.26
CA HIS A 204 -3.36 7.37 -6.64
C HIS A 204 -4.65 8.09 -7.05
N SER A 205 -5.78 7.71 -6.45
CA SER A 205 -7.09 8.31 -6.70
C SER A 205 -7.12 9.76 -6.19
N HIS A 206 -6.33 10.05 -5.12
CA HIS A 206 -6.22 11.36 -4.47
C HIS A 206 -5.11 12.26 -5.04
N ALA A 207 -4.11 11.66 -5.74
CA ALA A 207 -2.97 12.35 -6.36
C ALA A 207 -3.39 13.49 -7.30
N VAL A 208 -4.49 13.27 -8.07
CA VAL A 208 -5.07 14.26 -8.99
C VAL A 208 -6.46 14.70 -8.50
N ALA A 209 -6.69 16.02 -8.42
CA ALA A 209 -7.98 16.57 -7.99
C ALA A 209 -8.89 16.58 -9.20
N LYS A 210 -10.03 15.86 -9.14
CA LYS A 210 -10.99 15.78 -10.25
C LYS A 210 -11.93 17.00 -10.29
N ALA A 211 -12.01 17.67 -11.46
CA ALA A 211 -12.83 18.87 -11.67
C ALA A 211 -13.91 18.66 -12.74
N LEU A 212 -15.15 19.15 -12.45
CA LEU A 212 -16.30 19.06 -13.37
C LEU A 212 -16.84 20.43 -13.76
N ILE A 213 -16.54 20.85 -15.01
CA ILE A 213 -16.96 22.14 -15.57
C ILE A 213 -18.16 21.92 -16.52
N VAL A 214 -19.40 22.29 -16.10
CA VAL A 214 -20.55 22.18 -16.99
C VAL A 214 -20.98 23.56 -17.45
N TYR A 215 -21.24 23.69 -18.75
CA TYR A 215 -21.62 25.01 -19.28
C TYR A 215 -22.77 24.89 -20.28
N GLY A 216 -23.62 25.92 -20.30
CA GLY A 216 -24.71 26.02 -21.29
C GLY A 216 -24.54 27.34 -22.00
N SER A 217 -24.10 27.31 -23.26
CA SER A 217 -23.83 28.59 -23.99
C SER A 217 -24.54 28.56 -25.34
N THR A 218 -24.92 29.74 -25.82
CA THR A 218 -25.65 29.91 -27.09
C THR A 218 -24.70 30.36 -28.22
N THR A 219 -23.99 31.49 -28.01
CA THR A 219 -23.03 32.02 -28.98
C THR A 219 -21.59 31.55 -28.66
N GLY A 220 -21.47 30.65 -27.69
CA GLY A 220 -20.23 30.03 -27.25
C GLY A 220 -19.34 30.90 -26.39
N ASN A 221 -19.86 32.05 -25.92
CA ASN A 221 -19.12 33.00 -25.08
C ASN A 221 -18.82 32.42 -23.67
N THR A 222 -19.70 31.55 -23.14
CA THR A 222 -19.46 30.86 -21.86
C THR A 222 -18.67 29.58 -22.16
N GLU A 223 -18.68 29.10 -23.44
CA GLU A 223 -17.87 27.95 -23.86
C GLU A 223 -16.40 28.37 -23.86
N TYR A 224 -16.07 29.54 -24.47
CA TYR A 224 -14.74 30.16 -24.56
C TYR A 224 -14.20 30.51 -23.16
N THR A 225 -15.11 30.83 -22.21
CA THR A 225 -14.82 31.11 -20.81
C THR A 225 -14.42 29.78 -20.15
N ALA A 226 -15.35 28.79 -20.17
CA ALA A 226 -15.17 27.45 -19.61
C ALA A 226 -13.95 26.73 -20.18
N GLU A 227 -13.64 26.95 -21.48
CA GLU A 227 -12.48 26.37 -22.20
C GLU A 227 -11.16 26.84 -21.59
N THR A 228 -11.09 28.10 -21.13
CA THR A 228 -9.89 28.66 -20.50
C THR A 228 -10.01 28.62 -18.96
N ILE A 229 -11.20 28.26 -18.42
CA ILE A 229 -11.41 28.03 -16.99
C ILE A 229 -10.81 26.64 -16.76
N ALA A 230 -11.13 25.68 -17.69
CA ALA A 230 -10.64 24.31 -17.68
C ALA A 230 -9.15 24.21 -18.04
N ARG A 231 -8.62 25.18 -18.83
CA ARG A 231 -7.21 25.22 -19.24
C ARG A 231 -6.25 25.50 -18.07
N GLU A 232 -6.56 26.51 -17.22
CA GLU A 232 -5.77 26.89 -16.05
C GLU A 232 -5.81 25.77 -14.99
N LEU A 233 -6.96 25.10 -14.85
CA LEU A 233 -7.14 24.00 -13.91
C LEU A 233 -6.37 22.74 -14.33
N ALA A 234 -6.44 22.35 -15.62
CA ALA A 234 -5.69 21.20 -16.18
C ALA A 234 -4.18 21.43 -16.05
N ASP A 235 -3.75 22.70 -16.16
CA ASP A 235 -2.38 23.18 -16.03
C ASP A 235 -1.85 22.99 -14.59
N ALA A 236 -2.77 23.02 -13.60
CA ALA A 236 -2.45 22.85 -12.17
C ALA A 236 -2.61 21.40 -11.68
N GLY A 237 -2.60 20.45 -12.63
CA GLY A 237 -2.73 19.03 -12.37
C GLY A 237 -4.10 18.65 -11.83
N TYR A 238 -5.15 18.98 -12.61
CA TYR A 238 -6.54 18.68 -12.28
C TYR A 238 -7.11 17.68 -13.30
N GLU A 239 -7.88 16.68 -12.83
CA GLU A 239 -8.53 15.70 -13.69
C GLU A 239 -9.84 16.35 -14.20
N VAL A 240 -9.69 17.36 -15.08
CA VAL A 240 -10.79 18.15 -15.63
C VAL A 240 -11.67 17.35 -16.61
N ASP A 241 -12.98 17.63 -16.59
CA ASP A 241 -13.98 17.03 -17.47
C ASP A 241 -15.05 18.06 -17.77
N SER A 242 -14.87 18.79 -18.87
CA SER A 242 -15.82 19.82 -19.29
C SER A 242 -16.97 19.20 -20.10
N ARG A 243 -18.24 19.54 -19.73
CA ARG A 243 -19.44 19.01 -20.38
C ARG A 243 -20.46 20.09 -20.73
N ASP A 244 -20.94 20.08 -21.98
CA ASP A 244 -21.97 21.01 -22.44
C ASP A 244 -23.27 20.53 -21.80
N ALA A 245 -23.96 21.42 -21.07
CA ALA A 245 -25.22 21.17 -20.36
C ALA A 245 -26.33 20.53 -21.22
N ALA A 246 -26.11 20.47 -22.55
CA ALA A 246 -26.99 19.87 -23.53
C ALA A 246 -26.83 18.35 -23.59
N SER A 247 -25.69 17.85 -23.09
CA SER A 247 -25.40 16.43 -23.08
C SER A 247 -24.94 15.97 -21.70
N VAL A 248 -25.85 16.04 -20.71
CA VAL A 248 -25.56 15.65 -19.31
C VAL A 248 -26.58 14.65 -18.73
N GLU A 249 -26.24 14.07 -17.58
CA GLU A 249 -27.08 13.13 -16.86
C GLU A 249 -27.34 13.62 -15.44
N ALA A 250 -28.63 13.85 -15.12
CA ALA A 250 -29.08 14.32 -13.80
C ALA A 250 -28.91 13.27 -12.69
N GLY A 251 -28.46 12.07 -13.05
CA GLY A 251 -28.24 10.97 -12.12
C GLY A 251 -26.93 11.08 -11.35
N GLY A 252 -26.85 12.07 -10.46
CA GLY A 252 -25.68 12.33 -9.63
C GLY A 252 -24.46 12.77 -10.39
N LEU A 253 -24.67 13.60 -11.42
CA LEU A 253 -23.66 14.15 -12.33
C LEU A 253 -22.34 14.54 -11.65
N PHE A 254 -22.42 15.07 -10.43
CA PHE A 254 -21.29 15.59 -9.68
C PHE A 254 -20.56 14.57 -8.78
N GLU A 255 -21.03 13.30 -8.73
CA GLU A 255 -20.45 12.25 -7.88
C GLU A 255 -18.97 11.97 -8.20
N GLY A 256 -18.14 11.98 -7.15
CA GLY A 256 -16.70 11.74 -7.22
C GLY A 256 -15.87 12.90 -7.68
N PHE A 257 -16.45 14.12 -7.71
CA PHE A 257 -15.76 15.34 -8.12
C PHE A 257 -15.48 16.26 -6.95
N ASP A 258 -14.21 16.70 -6.82
CA ASP A 258 -13.71 17.60 -5.77
C ASP A 258 -14.22 19.04 -5.95
N LEU A 259 -14.04 19.59 -7.18
CA LEU A 259 -14.47 20.93 -7.56
C LEU A 259 -15.45 20.85 -8.73
N VAL A 260 -16.66 21.40 -8.53
CA VAL A 260 -17.74 21.45 -9.53
C VAL A 260 -17.92 22.93 -9.96
N LEU A 261 -17.96 23.18 -11.27
CA LEU A 261 -18.13 24.52 -11.81
C LEU A 261 -19.34 24.57 -12.72
N LEU A 262 -20.27 25.47 -12.38
CA LEU A 262 -21.46 25.62 -13.24
C LEU A 262 -21.32 26.95 -13.95
N GLY A 263 -21.19 26.90 -15.28
CA GLY A 263 -21.11 28.13 -16.07
C GLY A 263 -22.35 28.25 -16.90
N CYS A 264 -23.17 29.25 -16.62
CA CYS A 264 -24.41 29.45 -17.40
C CYS A 264 -24.44 30.89 -17.88
N SER A 265 -25.09 31.09 -19.03
CA SER A 265 -25.18 32.40 -19.65
C SER A 265 -26.56 33.01 -19.34
N THR A 266 -26.60 34.34 -19.12
CA THR A 266 -27.83 35.07 -18.80
C THR A 266 -28.54 35.49 -20.09
N TRP A 267 -29.79 35.03 -20.27
CA TRP A 267 -30.57 35.31 -21.48
C TRP A 267 -31.95 35.89 -21.13
N GLY A 268 -32.85 35.93 -22.11
CA GLY A 268 -34.19 36.49 -21.92
C GLY A 268 -34.17 38.00 -22.00
N ASP A 269 -34.94 38.53 -22.97
CA ASP A 269 -35.07 39.96 -23.27
C ASP A 269 -36.03 40.71 -22.34
N ASP A 270 -37.27 40.24 -22.25
CA ASP A 270 -38.29 40.83 -21.33
C ASP A 270 -37.93 40.55 -19.87
N SER A 271 -37.46 39.34 -19.57
CA SER A 271 -37.21 38.89 -18.17
C SER A 271 -35.87 38.18 -18.00
N ILE A 272 -35.51 37.89 -16.75
CA ILE A 272 -34.27 37.22 -16.35
C ILE A 272 -34.42 35.72 -16.66
N GLU A 273 -33.59 35.18 -17.58
CA GLU A 273 -33.66 33.78 -18.02
C GLU A 273 -32.29 33.08 -18.13
N LEU A 274 -32.30 31.75 -18.01
CA LEU A 274 -31.11 30.91 -18.11
C LEU A 274 -30.91 30.48 -19.57
N GLN A 275 -29.75 29.86 -19.87
CA GLN A 275 -29.43 29.31 -21.18
C GLN A 275 -30.35 28.09 -21.40
N ASP A 276 -30.79 27.84 -22.66
CA ASP A 276 -31.65 26.71 -23.02
C ASP A 276 -31.04 25.32 -22.64
N ASP A 277 -29.70 25.15 -22.84
CA ASP A 277 -28.96 23.91 -22.54
C ASP A 277 -28.94 23.66 -21.04
N PHE A 278 -28.70 24.72 -20.26
CA PHE A 278 -28.61 24.69 -18.81
C PHE A 278 -29.97 24.58 -18.12
N ILE A 279 -31.06 24.87 -18.86
CA ILE A 279 -32.43 24.84 -18.36
C ILE A 279 -32.80 23.40 -17.85
N PRO A 280 -32.64 22.26 -18.61
CA PRO A 280 -32.97 20.95 -18.02
C PRO A 280 -32.07 20.55 -16.85
N LEU A 281 -30.79 20.96 -16.87
CA LEU A 281 -29.81 20.68 -15.82
C LEU A 281 -30.10 21.43 -14.53
N PHE A 282 -30.68 22.64 -14.60
CA PHE A 282 -30.99 23.47 -13.43
C PHE A 282 -32.07 22.84 -12.55
N ASP A 283 -33.21 22.46 -13.15
CA ASP A 283 -34.35 21.86 -12.43
C ASP A 283 -33.97 20.51 -11.84
N SER A 284 -33.07 19.81 -12.52
CA SER A 284 -32.60 18.49 -12.13
C SER A 284 -31.42 18.52 -11.11
N LEU A 285 -31.21 19.67 -10.39
CA LEU A 285 -30.15 19.84 -9.38
C LEU A 285 -30.39 18.99 -8.11
N GLU A 286 -31.67 18.67 -7.84
CA GLU A 286 -32.11 17.85 -6.71
C GLU A 286 -31.58 16.42 -6.91
N GLU A 287 -31.95 15.77 -8.06
CA GLU A 287 -31.54 14.42 -8.46
C GLU A 287 -30.02 14.22 -8.45
N THR A 288 -29.32 15.34 -8.59
CA THR A 288 -27.83 15.51 -8.58
C THR A 288 -27.30 15.45 -7.15
N GLY A 289 -25.97 15.34 -6.99
CA GLY A 289 -25.36 15.25 -5.65
C GLY A 289 -25.06 16.61 -5.04
N ALA A 290 -24.03 17.34 -5.52
CA ALA A 290 -23.84 18.69 -4.95
C ALA A 290 -24.08 18.78 -3.41
N GLN A 291 -24.09 17.61 -2.72
CA GLN A 291 -24.29 17.47 -1.27
C GLN A 291 -23.06 18.04 -0.53
N GLY A 292 -23.04 19.35 -0.41
CA GLY A 292 -21.95 20.10 0.21
C GLY A 292 -20.67 20.06 -0.60
N ARG A 293 -20.80 20.14 -1.94
CA ARG A 293 -19.64 20.11 -2.85
C ARG A 293 -19.06 21.49 -3.06
N LYS A 294 -17.73 21.55 -3.26
CA LYS A 294 -16.99 22.78 -3.50
C LYS A 294 -17.36 23.28 -4.91
N VAL A 295 -18.42 24.12 -4.97
CA VAL A 295 -18.96 24.62 -6.23
C VAL A 295 -18.74 26.13 -6.41
N ALA A 296 -18.20 26.52 -7.58
CA ALA A 296 -17.91 27.89 -8.00
C ALA A 296 -18.69 28.22 -9.27
N CYS A 297 -19.26 29.43 -9.35
CA CYS A 297 -20.06 29.81 -10.51
C CYS A 297 -19.40 30.87 -11.38
N PHE A 298 -19.74 30.84 -12.67
CA PHE A 298 -19.25 31.76 -13.69
C PHE A 298 -20.33 31.95 -14.77
N GLY A 299 -20.10 32.85 -15.73
CA GLY A 299 -21.06 33.09 -16.78
C GLY A 299 -20.94 34.43 -17.49
N CYS A 300 -21.48 34.48 -18.72
CA CYS A 300 -21.49 35.67 -19.59
C CYS A 300 -22.82 36.44 -19.50
N GLY A 301 -22.74 37.75 -19.71
CA GLY A 301 -23.87 38.66 -19.67
C GLY A 301 -23.53 39.95 -20.38
N ASP A 302 -24.00 41.08 -19.83
CA ASP A 302 -23.77 42.42 -20.41
C ASP A 302 -24.19 43.52 -19.43
N SER A 303 -23.34 44.57 -19.29
CA SER A 303 -23.54 45.74 -18.42
C SER A 303 -24.70 46.62 -18.88
N SER A 304 -25.04 46.54 -20.18
CA SER A 304 -26.16 47.22 -20.85
C SER A 304 -27.49 46.64 -20.36
N TRP A 305 -27.51 45.34 -20.03
CA TRP A 305 -28.69 44.62 -19.56
C TRP A 305 -28.97 44.89 -18.10
N GLU A 306 -30.28 45.00 -17.77
CA GLU A 306 -30.80 45.33 -16.44
C GLU A 306 -30.30 44.40 -15.33
N TYR A 307 -30.38 43.07 -15.55
CA TYR A 307 -29.94 42.10 -14.54
C TYR A 307 -28.60 41.47 -14.94
N PHE A 308 -27.48 42.08 -14.44
CA PHE A 308 -26.14 41.62 -14.78
C PHE A 308 -25.82 40.26 -14.22
N CYS A 309 -25.67 39.30 -15.15
CA CYS A 309 -25.38 37.90 -14.89
C CYS A 309 -26.25 37.33 -13.79
N GLY A 310 -27.55 37.59 -13.90
CA GLY A 310 -28.55 37.12 -12.96
C GLY A 310 -28.64 35.61 -12.92
N ALA A 311 -28.27 34.94 -14.05
CA ALA A 311 -28.25 33.46 -14.18
C ALA A 311 -27.24 32.84 -13.23
N VAL A 312 -26.14 33.58 -12.93
CA VAL A 312 -25.09 33.20 -11.98
C VAL A 312 -25.71 33.30 -10.59
N ASP A 313 -26.46 34.40 -10.32
CA ASP A 313 -27.16 34.66 -9.05
C ASP A 313 -28.20 33.60 -8.72
N ALA A 314 -29.09 33.27 -9.70
CA ALA A 314 -30.19 32.30 -9.57
C ALA A 314 -29.69 30.92 -9.24
N ILE A 315 -28.50 30.58 -9.78
CA ILE A 315 -27.80 29.31 -9.57
C ILE A 315 -27.17 29.35 -8.15
N GLU A 316 -26.42 30.43 -7.83
CA GLU A 316 -25.77 30.67 -6.53
C GLU A 316 -26.78 30.63 -5.38
N GLU A 317 -28.01 31.10 -5.63
CA GLU A 317 -29.13 31.09 -4.67
C GLU A 317 -29.69 29.67 -4.48
N LYS A 318 -29.89 28.91 -5.59
CA LYS A 318 -30.39 27.52 -5.59
C LYS A 318 -29.38 26.55 -4.98
N LEU A 319 -28.07 26.86 -5.11
CA LEU A 319 -26.98 26.05 -4.55
C LEU A 319 -26.81 26.36 -3.06
N LYS A 320 -26.92 27.64 -2.63
CA LYS A 320 -26.79 28.06 -1.22
C LYS A 320 -27.90 27.45 -0.35
N ASN A 321 -29.12 27.24 -0.93
CA ASN A 321 -30.26 26.59 -0.28
C ASN A 321 -29.91 25.11 -0.02
N LEU A 322 -29.25 24.46 -1.00
CA LEU A 322 -28.79 23.07 -0.92
C LEU A 322 -27.38 23.05 -0.30
N GLY A 323 -26.63 21.95 -0.50
CA GLY A 323 -25.26 22.00 0.02
C GLY A 323 -24.59 23.13 -0.74
N ALA A 324 -23.92 24.05 -0.06
CA ALA A 324 -23.37 25.19 -0.85
C ALA A 324 -21.86 25.07 -0.96
N GLU A 325 -21.14 25.48 0.07
CA GLU A 325 -19.68 25.43 -0.01
C GLU A 325 -19.16 26.22 -1.22
N ILE A 326 -19.75 27.42 -1.44
CA ILE A 326 -19.37 28.33 -2.51
C ILE A 326 -18.00 28.93 -2.18
N VAL A 327 -16.99 28.32 -2.81
CA VAL A 327 -15.55 28.61 -2.72
C VAL A 327 -15.28 30.12 -2.83
N GLN A 328 -15.86 30.77 -3.86
CA GLN A 328 -15.72 32.20 -4.13
C GLN A 328 -16.92 32.76 -4.90
N ASP A 329 -17.12 34.10 -4.83
CA ASP A 329 -18.18 34.85 -5.49
C ASP A 329 -18.09 34.72 -7.02
N GLY A 330 -19.22 34.37 -7.63
CA GLY A 330 -19.37 34.15 -9.07
C GLY A 330 -18.66 35.10 -10.01
N LEU A 331 -18.09 34.54 -11.08
CA LEU A 331 -17.40 35.27 -12.14
C LEU A 331 -18.48 35.82 -13.10
N ARG A 332 -18.42 37.13 -13.38
CA ARG A 332 -19.44 37.77 -14.21
C ARG A 332 -18.82 38.62 -15.31
N ILE A 333 -18.55 37.98 -16.44
CA ILE A 333 -17.96 38.61 -17.63
C ILE A 333 -19.11 39.13 -18.51
N ASP A 334 -18.72 40.03 -19.42
CA ASP A 334 -19.59 40.75 -20.40
C ASP A 334 -19.69 39.95 -21.70
N GLY A 335 -20.06 40.65 -22.78
CA GLY A 335 -20.29 40.05 -24.11
C GLY A 335 -19.07 39.35 -24.69
N ASP A 336 -17.86 39.90 -24.52
CA ASP A 336 -16.67 39.20 -25.09
C ASP A 336 -15.65 38.89 -23.99
N PRO A 337 -15.35 37.62 -23.67
CA PRO A 337 -14.31 37.29 -22.69
C PRO A 337 -12.91 37.34 -23.32
N ARG A 338 -12.87 37.68 -24.64
CA ARG A 338 -11.69 37.80 -25.50
C ARG A 338 -10.64 38.75 -24.91
N ALA A 339 -11.08 39.90 -24.34
CA ALA A 339 -10.23 40.90 -23.70
C ALA A 339 -10.22 40.70 -22.17
N ALA A 340 -11.30 40.10 -21.63
CA ALA A 340 -11.46 39.78 -20.21
C ALA A 340 -10.67 38.52 -19.84
N ARG A 341 -9.78 38.07 -20.76
CA ARG A 341 -8.88 36.92 -20.65
C ARG A 341 -8.15 36.91 -19.30
N ASP A 342 -7.61 38.07 -18.90
CA ASP A 342 -6.89 38.29 -17.65
C ASP A 342 -7.82 38.12 -16.45
N ASP A 343 -9.08 38.60 -16.55
CA ASP A 343 -10.10 38.52 -15.51
C ASP A 343 -10.58 37.08 -15.31
N ILE A 344 -10.78 36.33 -16.42
CA ILE A 344 -11.25 34.93 -16.34
C ILE A 344 -10.17 34.05 -15.76
N VAL A 345 -8.89 34.22 -16.19
CA VAL A 345 -7.76 33.45 -15.67
C VAL A 345 -7.40 33.93 -14.23
N GLY A 346 -7.65 35.21 -13.96
CA GLY A 346 -7.43 35.86 -12.67
C GLY A 346 -8.36 35.30 -11.61
N TRP A 347 -9.65 35.13 -11.98
CA TRP A 347 -10.66 34.53 -11.11
C TRP A 347 -10.38 33.04 -11.00
N ALA A 348 -9.96 32.40 -12.12
CA ALA A 348 -9.62 30.99 -12.18
C ALA A 348 -8.50 30.67 -11.20
N HIS A 349 -7.54 31.60 -11.06
CA HIS A 349 -6.41 31.44 -10.13
C HIS A 349 -6.82 31.54 -8.66
N ASP A 350 -7.61 32.56 -8.26
CA ASP A 350 -8.01 32.73 -6.86
C ASP A 350 -9.10 31.73 -6.42
N VAL A 351 -9.93 31.24 -7.36
CA VAL A 351 -10.96 30.23 -7.06
C VAL A 351 -10.32 28.85 -6.90
N ARG A 352 -9.15 28.67 -7.51
CA ARG A 352 -8.28 27.49 -7.42
C ARG A 352 -7.48 27.70 -6.12
N GLY A 353 -7.18 28.98 -5.84
CA GLY A 353 -6.45 29.48 -4.67
C GLY A 353 -7.15 29.20 -3.36
N ALA A 354 -8.49 29.11 -3.39
CA ALA A 354 -9.30 28.78 -2.23
C ALA A 354 -9.72 27.31 -2.41
N ILE A 355 -9.35 26.44 -1.44
CA ILE A 355 -9.65 25.01 -1.48
C ILE A 355 -9.79 24.40 -0.06
N ARG A 360 -1.08 15.97 -3.28
CA ARG A 360 -1.22 14.84 -4.18
C ARG A 360 -1.21 13.49 -3.41
N MET A 361 -0.04 12.82 -3.31
CA MET A 361 0.16 11.55 -2.62
C MET A 361 1.55 11.53 -1.97
N ASP A 362 1.67 11.10 -0.68
CA ASP A 362 2.95 11.05 0.05
C ASP A 362 3.86 9.94 -0.51
N ILE A 363 4.56 10.31 -1.61
CA ILE A 363 5.45 9.52 -2.46
C ILE A 363 6.59 8.82 -1.71
N GLU A 364 7.17 9.43 -0.65
CA GLU A 364 8.26 8.82 0.11
C GLU A 364 7.82 7.57 0.87
N LEU A 365 6.61 7.61 1.48
CA LEU A 365 5.98 6.49 2.19
C LEU A 365 5.51 5.47 1.15
N ALA A 366 4.88 5.94 0.05
CA ALA A 366 4.39 5.11 -1.06
C ALA A 366 5.53 4.35 -1.79
N LYS A 367 6.76 4.93 -1.83
CA LYS A 367 7.98 4.34 -2.43
C LYS A 367 8.36 3.11 -1.63
N THR A 368 8.33 3.25 -0.28
CA THR A 368 8.66 2.25 0.73
C THR A 368 7.72 1.02 0.62
N LEU A 369 6.42 1.26 0.29
CA LEU A 369 5.43 0.18 0.11
C LEU A 369 5.67 -0.59 -1.20
N VAL A 370 6.22 0.10 -2.23
CA VAL A 370 6.53 -0.48 -3.54
C VAL A 370 7.77 -1.37 -3.43
N LEU A 371 8.76 -0.90 -2.66
CA LEU A 371 10.02 -1.59 -2.37
C LEU A 371 9.73 -2.93 -1.72
N ILE A 372 8.86 -2.93 -0.67
CA ILE A 372 8.40 -4.08 0.11
C ILE A 372 7.99 -5.21 -0.82
N LEU A 373 7.04 -4.92 -1.74
CA LEU A 373 6.51 -5.89 -2.71
C LEU A 373 7.61 -6.41 -3.65
N VAL A 374 8.46 -5.50 -4.15
CA VAL A 374 9.60 -5.81 -5.02
C VAL A 374 10.49 -6.82 -4.32
N VAL A 375 10.89 -6.52 -3.06
CA VAL A 375 11.70 -7.35 -2.16
C VAL A 375 11.02 -8.72 -1.98
N LEU A 376 9.72 -8.75 -1.56
CA LEU A 376 8.91 -9.96 -1.35
C LEU A 376 8.82 -10.88 -2.57
N ILE A 377 8.52 -10.31 -3.75
CA ILE A 377 8.42 -11.09 -4.99
C ILE A 377 9.76 -11.75 -5.28
N ILE A 378 10.89 -11.01 -5.14
CA ILE A 378 12.23 -11.55 -5.36
C ILE A 378 12.62 -12.64 -4.32
N CYS A 379 12.35 -12.39 -3.01
CA CYS A 379 12.74 -13.29 -1.90
C CYS A 379 11.80 -14.48 -1.61
N TRP A 380 10.51 -14.40 -2.01
CA TRP A 380 9.57 -15.49 -1.75
C TRP A 380 9.09 -16.21 -2.99
N GLY A 381 8.82 -15.47 -4.06
CA GLY A 381 8.35 -16.00 -5.34
C GLY A 381 9.16 -17.18 -5.85
N PRO A 382 10.42 -16.95 -6.30
CA PRO A 382 11.25 -18.08 -6.78
C PRO A 382 11.46 -19.22 -5.77
N LEU A 383 11.67 -18.88 -4.50
CA LEU A 383 11.90 -19.80 -3.40
C LEU A 383 10.72 -20.75 -3.22
N LEU A 384 9.50 -20.19 -3.06
CA LEU A 384 8.27 -20.96 -2.88
C LEU A 384 7.84 -21.66 -4.16
N ALA A 385 8.37 -21.22 -5.33
CA ALA A 385 8.08 -21.83 -6.64
C ALA A 385 8.73 -23.20 -6.75
N ILE A 386 10.00 -23.32 -6.31
CA ILE A 386 10.76 -24.58 -6.29
C ILE A 386 10.15 -25.53 -5.28
N MET A 387 9.52 -24.97 -4.23
CA MET A 387 8.86 -25.70 -3.15
C MET A 387 7.52 -26.30 -3.63
N VAL A 388 6.88 -25.59 -4.56
CA VAL A 388 5.63 -26.00 -5.20
C VAL A 388 5.93 -27.14 -6.20
N TYR A 389 7.08 -27.05 -6.91
CA TYR A 389 7.53 -28.06 -7.87
C TYR A 389 7.60 -29.43 -7.21
N ASP A 390 8.38 -29.53 -6.12
CA ASP A 390 8.59 -30.74 -5.33
C ASP A 390 7.27 -31.38 -4.89
N VAL A 391 6.26 -30.54 -4.59
CA VAL A 391 4.91 -30.90 -4.16
C VAL A 391 4.24 -31.78 -5.23
N PHE A 392 4.33 -31.36 -6.52
CA PHE A 392 3.78 -32.08 -7.68
C PHE A 392 4.89 -32.71 -8.53
N GLY A 393 5.25 -33.94 -8.17
CA GLY A 393 6.27 -34.70 -8.87
C GLY A 393 7.66 -34.54 -8.34
N LYS A 394 8.64 -34.76 -9.23
CA LYS A 394 10.07 -34.71 -8.92
C LYS A 394 10.75 -33.45 -9.46
N MET A 395 12.09 -33.42 -9.30
CA MET A 395 12.98 -32.32 -9.67
C MET A 395 14.43 -32.81 -9.87
N ASN A 396 15.16 -32.22 -10.83
CA ASN A 396 16.54 -32.57 -11.17
C ASN A 396 17.56 -31.95 -10.21
N LYS A 397 18.85 -32.28 -10.41
CA LYS A 397 20.00 -31.77 -9.64
C LYS A 397 20.07 -30.25 -9.76
N LEU A 398 19.81 -29.70 -10.96
CA LEU A 398 19.82 -28.27 -11.23
C LEU A 398 18.81 -27.50 -10.35
N ILE A 399 17.56 -28.00 -10.26
CA ILE A 399 16.47 -27.40 -9.46
C ILE A 399 16.86 -27.34 -7.97
N LYS A 400 17.54 -28.40 -7.47
CA LYS A 400 18.05 -28.53 -6.09
C LYS A 400 19.12 -27.46 -5.77
N THR A 401 20.15 -27.35 -6.66
CA THR A 401 21.26 -26.39 -6.59
C THR A 401 20.76 -24.95 -6.70
N VAL A 402 19.72 -24.70 -7.54
CA VAL A 402 19.10 -23.38 -7.70
C VAL A 402 18.39 -23.00 -6.39
N PHE A 403 17.71 -23.98 -5.75
CA PHE A 403 17.04 -23.74 -4.46
C PHE A 403 18.03 -23.31 -3.38
N ALA A 404 19.24 -23.92 -3.35
CA ALA A 404 20.32 -23.60 -2.40
C ALA A 404 20.65 -22.09 -2.43
N PHE A 405 20.79 -21.51 -3.64
CA PHE A 405 21.10 -20.10 -3.84
C PHE A 405 19.86 -19.21 -3.71
N CYS A 406 18.66 -19.82 -3.76
CA CYS A 406 17.37 -19.14 -3.58
C CYS A 406 17.13 -18.99 -2.08
N SER A 407 17.80 -19.83 -1.25
CA SER A 407 17.71 -19.81 0.21
C SER A 407 18.35 -18.53 0.77
N MET A 408 19.41 -18.03 0.09
CA MET A 408 20.11 -16.81 0.44
C MET A 408 19.22 -15.61 0.21
N LEU A 409 18.30 -15.73 -0.77
CA LEU A 409 17.34 -14.71 -1.13
C LEU A 409 16.65 -14.18 0.13
N CYS A 410 16.02 -15.08 0.93
CA CYS A 410 15.31 -14.67 2.15
C CYS A 410 16.28 -14.27 3.30
N LEU A 411 17.59 -14.58 3.16
CA LEU A 411 18.63 -14.15 4.12
C LEU A 411 18.97 -12.69 3.88
N LEU A 412 18.74 -12.22 2.63
CA LEU A 412 18.91 -10.85 2.20
C LEU A 412 17.70 -10.06 2.68
N ASN A 413 16.54 -10.73 2.77
CA ASN A 413 15.28 -10.15 3.23
C ASN A 413 15.42 -9.86 4.72
N SER A 414 16.03 -10.81 5.47
CA SER A 414 16.32 -10.71 6.92
C SER A 414 17.27 -9.53 7.18
N THR A 415 18.21 -9.30 6.25
CA THR A 415 19.19 -8.21 6.27
C THR A 415 18.50 -6.87 5.93
N VAL A 416 17.75 -6.78 4.81
CA VAL A 416 17.13 -5.51 4.40
C VAL A 416 15.96 -5.04 5.29
N ASN A 417 15.27 -5.95 6.05
CA ASN A 417 14.15 -5.60 6.93
C ASN A 417 14.41 -4.46 7.92
N PRO A 418 15.47 -4.46 8.80
CA PRO A 418 15.69 -3.32 9.70
C PRO A 418 15.78 -1.95 9.00
N ILE A 419 16.38 -1.94 7.79
CA ILE A 419 16.57 -0.77 6.92
C ILE A 419 15.23 -0.24 6.35
N ILE A 420 14.19 -1.12 6.24
CA ILE A 420 12.86 -0.76 5.72
C ILE A 420 11.99 -0.13 6.79
N TYR A 421 11.68 -0.91 7.84
CA TYR A 421 10.74 -0.57 8.91
C TYR A 421 11.38 0.23 10.05
N ALA A 422 12.28 -0.41 10.85
CA ALA A 422 12.97 0.19 12.01
C ALA A 422 13.75 1.48 11.73
N LEU A 423 14.63 1.46 10.71
CA LEU A 423 15.44 2.62 10.31
C LEU A 423 14.57 3.81 9.86
N ARG A 424 13.39 3.52 9.27
CA ARG A 424 12.44 4.54 8.83
C ARG A 424 11.63 5.15 9.99
N SER A 425 11.59 4.48 11.18
CA SER A 425 10.87 4.97 12.37
C SER A 425 11.48 6.24 12.95
N LYS A 426 10.73 7.36 12.87
CA LYS A 426 11.13 8.66 13.40
C LYS A 426 11.37 8.52 14.90
N ASP A 427 10.46 7.78 15.59
CA ASP A 427 10.47 7.47 17.02
C ASP A 427 11.77 6.77 17.45
N LEU A 428 12.19 5.73 16.69
CA LEU A 428 13.40 4.96 16.94
C LEU A 428 14.64 5.77 16.54
N ARG A 429 14.55 6.58 15.44
CA ARG A 429 15.63 7.43 14.92
C ARG A 429 16.12 8.45 15.96
N HIS A 430 15.19 8.99 16.77
CA HIS A 430 15.45 9.95 17.83
C HIS A 430 15.94 9.22 19.08
N ALA A 431 15.36 8.04 19.35
CA ALA A 431 15.70 7.16 20.47
C ALA A 431 17.16 6.71 20.42
N PHE A 432 17.71 6.57 19.19
CA PHE A 432 19.09 6.16 18.95
C PHE A 432 20.01 7.36 19.17
N ARG A 433 19.64 8.52 18.59
CA ARG A 433 20.35 9.80 18.70
C ARG A 433 20.51 10.20 20.18
N SER A 434 19.57 9.75 21.04
CA SER A 434 19.51 9.97 22.49
C SER A 434 20.77 9.51 23.21
N MET A 435 21.27 8.32 22.85
CA MET A 435 22.41 7.60 23.45
C MET A 435 23.78 8.33 23.41
N PHE A 436 23.87 9.49 22.69
CA PHE A 436 25.10 10.28 22.55
C PHE A 436 25.16 11.47 23.56
N PRO A 437 26.35 12.09 23.83
CA PRO A 437 26.39 13.20 24.80
C PRO A 437 25.85 14.53 24.28
N SER A 438 25.47 15.44 25.20
CA SER A 438 24.93 16.77 24.92
C SER A 438 25.93 17.86 25.30
CAA 9GF B . 7.82 -27.13 5.34
CAB 9GF B . 9.26 -26.76 5.71
CAC 9GF B . 9.58 -25.33 5.28
CAD 9GF B . 11.11 -25.14 5.29
CAE 9GF B . 11.48 -23.66 5.23
CAF 9GF B . 12.25 -23.37 3.93
CAG 9GF B . 13.61 -22.71 4.18
CAH 9GF B . 13.65 -22.03 5.55
CAI 9GF B . 13.81 -21.64 3.11
CAJ 9GF B . 14.62 -23.68 4.10
CAK 9GF B . 14.75 -24.66 5.09
CAL 9GF B . 15.75 -25.62 4.99
CAM 9GF B . 16.66 -25.61 3.94
CAN 9GF B . 17.68 -26.57 3.80
CAO 9GF B . 17.14 -27.67 2.89
CAP 9GF B . 18.21 -28.71 2.63
CAR 9GF B . 18.61 -29.33 3.95
CAS 9GF B . 19.18 -28.26 4.85
CAT 9GF B . 18.13 -27.20 5.14
CAU 9GF B . 18.77 -26.16 6.08
CAV 9GF B . 18.85 -26.74 7.51
CAW 9GF B . 17.60 -26.32 8.29
CAY 9GF B . 16.51 -24.63 2.95
CBA 9GF B . 15.51 -23.68 3.03
OAQ 9GF B . 17.66 -29.73 1.78
OAX 9GF B . 17.72 -26.73 9.65
OAZ 9GF B . 17.40 -24.67 1.92
C1 CLR C . 8.49 -10.66 20.62
C2 CLR C . 7.83 -9.28 20.46
C3 CLR C . 6.36 -9.43 20.05
C4 CLR C . 5.57 -10.19 21.13
C5 CLR C . 6.28 -11.50 21.48
C6 CLR C . 5.49 -12.50 21.77
C7 CLR C . 5.97 -13.92 21.84
C8 CLR C . 7.44 -14.03 22.32
C9 CLR C . 8.30 -13.01 21.50
C10 CLR C . 7.79 -11.56 21.67
C11 CLR C . 9.81 -13.20 21.80
C12 CLR C . 10.34 -14.64 21.59
C13 CLR C . 9.48 -15.72 22.32
C14 CLR C . 7.95 -15.44 22.04
C15 CLR C . 7.29 -16.65 22.71
C16 CLR C . 8.10 -17.75 22.00
C17 CLR C . 9.51 -17.15 21.70
C18 CLR C . 9.75 -15.65 23.85
C19 CLR C . 8.11 -11.04 23.09
C20 CLR C . 10.65 -18.15 22.07
C21 CLR C . 12.08 -17.60 22.10
C22 CLR C . 10.62 -19.43 21.22
C23 CLR C . 10.73 -19.19 19.70
C24 CLR C . 11.19 -20.46 18.98
C25 CLR C . 12.41 -20.16 18.10
C26 CLR C . 13.68 -20.78 18.71
C27 CLR C . 12.17 -20.79 16.73
O1 CLR C . 5.79 -8.13 19.88
N1 FMN D . -27.09 39.58 -20.13
C2 FMN D . -27.44 39.77 -18.83
O2 FMN D . -26.54 40.00 -18.00
N3 FMN D . -28.71 39.72 -18.41
C4 FMN D . -29.73 39.48 -19.24
O4 FMN D . -30.91 39.44 -18.81
C4A FMN D . -29.44 39.26 -20.68
N5 FMN D . -30.42 39.02 -21.58
C5A FMN D . -30.12 38.82 -22.88
C6 FMN D . -31.13 38.57 -23.80
C7 FMN D . -30.83 38.37 -25.14
C7M FMN D . -31.93 38.09 -26.13
C8 FMN D . -29.42 38.42 -25.60
C8M FMN D . -29.10 38.20 -27.06
C9 FMN D . -28.40 38.68 -24.69
C9A FMN D . -28.71 38.88 -23.35
N10 FMN D . -27.68 39.13 -22.43
C10 FMN D . -28.02 39.33 -21.08
C1' FMN D . -26.27 39.20 -22.85
C2' FMN D . -25.74 37.78 -23.04
O2' FMN D . -25.37 37.24 -21.77
C3' FMN D . -24.53 37.76 -23.97
O3' FMN D . -24.97 37.58 -25.32
C4' FMN D . -23.54 36.66 -23.59
O4' FMN D . -22.22 37.09 -23.88
C5' FMN D . -23.86 35.38 -24.36
O5' FMN D . -23.02 34.33 -23.87
P FMN D . -23.22 32.82 -24.39
O1P FMN D . -24.73 32.62 -24.36
O2P FMN D . -22.47 31.99 -23.39
O3P FMN D . -22.62 32.83 -25.77
#